data_4UCB
#
_entry.id   4UCB
#
_cell.length_a   34.520
_cell.length_b   71.680
_cell.length_c   178.270
_cell.angle_alpha   90.00
_cell.angle_beta   90.00
_cell.angle_gamma   90.00
#
_symmetry.space_group_name_H-M   'P 21 21 21'
#
loop_
_entity.id
_entity.type
_entity.pdbx_description
1 polymer NUCLEOPROTEIN
2 polymer PHOSPHOSPROTEIN
3 non-polymer 'SULFATE ION'
4 water water
#
loop_
_entity_poly.entity_id
_entity_poly.type
_entity_poly.pdbx_seq_one_letter_code
_entity_poly.pdbx_strand_id
1 'polypeptide(L)'
;MGSDSIDTPNYDVQKHINKLCGMLLITEDANHKFTGLIGMLYAMSRLGREDTIKILRDAGYHVKANGVDVTTHRQDINGK
EMKFEVLTLASLTTEIQINIEIESRKSYKKMLKEMGEVAPEYRHDSPDCGMIILCIAALVITKLAAGDRSGLTAVIRRAN
NVLKNEMKRYKGLLPKDIANSFYEVFEKHPHFIDVFVHFGIAQSSTRGGSRVEGIFAGLFMNAYGLEHHHHHH
;
A,B
2 'polypeptide(L)' DLSLEDF C,D
#
# COMPACT_ATOMS: atom_id res chain seq x y z
N SER A 5 9.67 10.24 -35.19
CA SER A 5 8.81 9.05 -35.20
C SER A 5 7.94 8.92 -33.93
N ILE A 6 6.61 9.16 -34.07
CA ILE A 6 5.61 9.13 -32.98
C ILE A 6 4.55 8.07 -33.21
N ASP A 7 4.24 7.28 -32.15
CA ASP A 7 3.21 6.26 -32.23
C ASP A 7 1.86 6.92 -32.22
N THR A 8 0.98 6.53 -33.17
CA THR A 8 -0.36 7.12 -33.24
C THR A 8 -1.38 6.00 -33.20
N PRO A 9 -1.70 5.49 -31.97
CA PRO A 9 -2.65 4.37 -31.87
C PRO A 9 -4.05 4.77 -32.29
N ASN A 10 -4.74 3.86 -32.97
CA ASN A 10 -6.10 4.11 -33.41
C ASN A 10 -7.11 3.47 -32.42
N TYR A 11 -8.41 3.61 -32.69
CA TYR A 11 -9.48 3.09 -31.84
C TYR A 11 -9.37 1.59 -31.55
N ASP A 12 -8.88 0.83 -32.51
CA ASP A 12 -8.74 -0.63 -32.46
C ASP A 12 -7.87 -1.16 -31.34
N VAL A 13 -6.92 -0.33 -30.81
CA VAL A 13 -6.01 -0.80 -29.76
C VAL A 13 -6.30 -0.17 -28.39
N GLN A 14 -7.40 0.55 -28.30
CA GLN A 14 -7.86 1.19 -27.07
C GLN A 14 -8.06 0.17 -25.93
N LYS A 15 -8.72 -0.98 -26.22
CA LYS A 15 -8.97 -2.03 -25.22
C LYS A 15 -7.65 -2.60 -24.72
N HIS A 16 -6.67 -2.79 -25.61
CA HIS A 16 -5.36 -3.28 -25.27
C HIS A 16 -4.63 -2.31 -24.34
N ILE A 17 -4.60 -1.01 -24.68
CA ILE A 17 -3.93 0.02 -23.90
C ILE A 17 -4.61 0.17 -22.54
N ASN A 18 -5.93 0.06 -22.49
CA ASN A 18 -6.65 0.13 -21.19
C ASN A 18 -6.19 -1.04 -20.28
N LYS A 19 -6.04 -2.27 -20.85
CA LYS A 19 -5.58 -3.48 -20.15
C LYS A 19 -4.13 -3.29 -19.66
N LEU A 20 -3.27 -2.62 -20.46
CA LEU A 20 -1.89 -2.30 -20.10
C LEU A 20 -1.86 -1.36 -18.89
N CYS A 21 -2.77 -0.34 -18.88
CA CYS A 21 -2.94 0.57 -17.75
C CYS A 21 -3.36 -0.24 -16.52
N GLY A 22 -4.35 -1.14 -16.70
CA GLY A 22 -4.86 -1.99 -15.64
C GLY A 22 -3.84 -2.94 -15.05
N MET A 23 -2.93 -3.46 -15.89
CA MET A 23 -1.84 -4.33 -15.46
C MET A 23 -0.91 -3.60 -14.53
N LEU A 24 -0.63 -2.31 -14.79
CA LEU A 24 0.21 -1.48 -13.89
C LEU A 24 -0.51 -1.18 -12.59
N LEU A 25 -1.84 -0.89 -12.67
CA LEU A 25 -2.69 -0.59 -11.53
C LEU A 25 -2.82 -1.76 -10.54
N ILE A 26 -2.76 -2.99 -11.03
CA ILE A 26 -2.84 -4.14 -10.14
C ILE A 26 -1.44 -4.56 -9.63
N THR A 27 -0.35 -3.96 -10.17
CA THR A 27 1.00 -4.34 -9.74
C THR A 27 1.43 -3.69 -8.44
N GLU A 28 1.76 -4.53 -7.44
CA GLU A 28 2.29 -4.10 -6.15
C GLU A 28 3.66 -3.45 -6.41
N ASP A 29 3.84 -2.22 -5.89
CA ASP A 29 5.09 -1.47 -6.04
C ASP A 29 5.50 -1.42 -7.51
N ALA A 30 4.52 -1.11 -8.39
CA ALA A 30 4.69 -1.03 -9.83
C ALA A 30 5.75 0.01 -10.19
N ASN A 31 6.56 -0.27 -11.24
CA ASN A 31 7.54 0.69 -11.74
C ASN A 31 6.74 1.51 -12.74
N HIS A 32 6.52 2.78 -12.38
CA HIS A 32 5.69 3.69 -13.19
C HIS A 32 6.47 4.53 -14.16
N LYS A 33 7.72 4.12 -14.51
CA LYS A 33 8.60 4.79 -15.46
C LYS A 33 7.91 5.05 -16.84
N PHE A 34 7.04 4.13 -17.27
CA PHE A 34 6.41 4.22 -18.58
C PHE A 34 4.94 4.59 -18.55
N THR A 35 4.39 4.85 -17.36
CA THR A 35 2.96 5.12 -17.16
C THR A 35 2.53 6.42 -17.84
N GLY A 36 3.37 7.45 -17.81
CA GLY A 36 3.07 8.72 -18.46
C GLY A 36 2.87 8.50 -19.96
N LEU A 37 3.78 7.73 -20.60
CA LEU A 37 3.70 7.41 -22.01
C LEU A 37 2.47 6.56 -22.31
N ILE A 38 2.25 5.49 -21.53
CA ILE A 38 1.12 4.58 -21.69
C ILE A 38 -0.21 5.31 -21.54
N GLY A 39 -0.30 6.22 -20.57
CA GLY A 39 -1.49 7.03 -20.35
C GLY A 39 -1.78 7.90 -21.56
N MET A 40 -0.72 8.51 -22.13
CA MET A 40 -0.78 9.34 -23.35
C MET A 40 -1.13 8.52 -24.57
N LEU A 41 -0.67 7.25 -24.67
CA LEU A 41 -1.03 6.33 -25.72
C LEU A 41 -2.53 6.02 -25.61
N TYR A 42 -3.06 5.83 -24.38
CA TYR A 42 -4.49 5.61 -24.16
C TYR A 42 -5.30 6.80 -24.64
N ALA A 43 -4.90 8.04 -24.26
CA ALA A 43 -5.56 9.28 -24.71
C ALA A 43 -5.59 9.38 -26.25
N MET A 44 -4.47 9.05 -26.92
CA MET A 44 -4.36 9.06 -28.39
C MET A 44 -5.29 8.00 -29.02
N SER A 45 -5.40 6.80 -28.41
CA SER A 45 -6.30 5.76 -28.92
C SER A 45 -7.76 6.16 -28.76
N ARG A 46 -8.06 7.03 -27.78
CA ARG A 46 -9.40 7.56 -27.53
C ARG A 46 -9.71 8.67 -28.53
N LEU A 47 -8.69 9.46 -28.91
CA LEU A 47 -8.81 10.55 -29.89
C LEU A 47 -8.86 9.98 -31.30
N GLY A 48 -8.15 8.87 -31.51
CA GLY A 48 -8.03 8.18 -32.79
C GLY A 48 -6.81 8.66 -33.56
N ARG A 49 -6.30 7.82 -34.47
CA ARG A 49 -5.13 8.15 -35.29
C ARG A 49 -5.26 9.46 -36.09
N GLU A 50 -6.38 9.63 -36.85
CA GLU A 50 -6.60 10.83 -37.65
C GLU A 50 -6.61 12.12 -36.84
N ASP A 51 -7.36 12.15 -35.72
CA ASP A 51 -7.42 13.33 -34.87
C ASP A 51 -6.09 13.65 -34.21
N THR A 52 -5.32 12.61 -33.81
CA THR A 52 -4.02 12.77 -33.19
C THR A 52 -3.03 13.42 -34.16
N ILE A 53 -2.94 12.92 -35.41
CA ILE A 53 -2.05 13.45 -36.44
C ILE A 53 -2.45 14.91 -36.75
N LYS A 54 -3.76 15.19 -36.76
CA LYS A 54 -4.32 16.53 -37.02
C LYS A 54 -3.88 17.51 -35.93
N ILE A 55 -3.97 17.10 -34.65
CA ILE A 55 -3.60 17.91 -33.50
C ILE A 55 -2.12 18.29 -33.57
N LEU A 56 -1.24 17.29 -33.76
CA LEU A 56 0.21 17.48 -33.85
C LEU A 56 0.60 18.38 -35.02
N ARG A 57 0.08 18.10 -36.23
CA ARG A 57 0.37 18.93 -37.40
C ARG A 57 -0.10 20.38 -37.21
N ASP A 58 -1.31 20.57 -36.66
CA ASP A 58 -1.90 21.88 -36.37
C ASP A 58 -1.12 22.63 -35.30
N ALA A 59 -0.50 21.91 -34.36
CA ALA A 59 0.31 22.51 -33.31
C ALA A 59 1.73 22.84 -33.79
N GLY A 60 2.04 22.50 -35.03
CA GLY A 60 3.33 22.80 -35.65
C GLY A 60 4.38 21.70 -35.57
N TYR A 61 4.04 20.56 -34.95
CA TYR A 61 4.97 19.43 -34.82
C TYR A 61 5.02 18.64 -36.13
N HIS A 62 6.20 18.17 -36.50
CA HIS A 62 6.40 17.35 -37.69
C HIS A 62 6.21 15.90 -37.25
N VAL A 63 5.29 15.18 -37.89
CA VAL A 63 5.01 13.82 -37.42
C VAL A 63 5.17 12.73 -38.46
N LYS A 64 6.00 11.74 -38.11
CA LYS A 64 6.24 10.51 -38.85
C LYS A 64 5.39 9.49 -38.07
N ALA A 65 4.16 9.28 -38.52
CA ALA A 65 3.21 8.41 -37.84
C ALA A 65 3.51 6.93 -37.94
N ASN A 66 3.61 6.29 -36.76
CA ASN A 66 3.84 4.85 -36.61
C ASN A 66 2.53 4.16 -36.27
N GLY A 67 2.11 3.26 -37.13
CA GLY A 67 0.89 2.47 -36.97
C GLY A 67 1.01 1.53 -35.81
N VAL A 68 -0.03 1.40 -35.02
CA VAL A 68 0.00 0.54 -33.86
C VAL A 68 -0.93 -0.68 -34.05
N ASP A 69 -0.33 -1.87 -34.12
CA ASP A 69 -1.06 -3.13 -34.29
C ASP A 69 -0.76 -4.07 -33.15
N VAL A 70 -1.66 -5.04 -32.93
CA VAL A 70 -1.50 -6.06 -31.90
C VAL A 70 -0.82 -7.24 -32.55
N THR A 71 0.30 -7.68 -31.98
CA THR A 71 1.03 -8.86 -32.44
C THR A 71 1.23 -9.86 -31.31
N THR A 72 1.30 -11.16 -31.65
CA THR A 72 1.54 -12.23 -30.69
C THR A 72 3.03 -12.47 -30.67
N HIS A 73 3.64 -12.34 -29.51
CA HIS A 73 5.06 -12.54 -29.31
C HIS A 73 5.33 -13.78 -28.45
N ARG A 74 6.15 -14.69 -28.98
CA ARG A 74 6.54 -15.92 -28.30
C ARG A 74 7.84 -15.65 -27.55
N GLN A 75 7.83 -15.88 -26.23
CA GLN A 75 8.97 -15.63 -25.37
C GLN A 75 9.10 -16.65 -24.26
N ASP A 76 10.35 -17.08 -24.05
CA ASP A 76 10.75 -18.07 -23.06
C ASP A 76 10.92 -17.45 -21.68
N ILE A 77 9.98 -17.78 -20.76
CA ILE A 77 10.01 -17.30 -19.39
C ILE A 77 9.93 -18.49 -18.45
N ASN A 78 11.04 -18.70 -17.68
CA ASN A 78 11.29 -19.77 -16.71
C ASN A 78 11.32 -21.15 -17.38
N GLY A 79 11.96 -21.22 -18.55
CA GLY A 79 12.12 -22.42 -19.37
C GLY A 79 10.96 -22.79 -20.28
N LYS A 80 9.74 -22.32 -19.93
CA LYS A 80 8.49 -22.53 -20.66
C LYS A 80 8.24 -21.42 -21.68
N GLU A 81 7.83 -21.78 -22.92
CA GLU A 81 7.49 -20.81 -23.95
C GLU A 81 6.11 -20.24 -23.64
N MET A 82 6.01 -18.90 -23.71
CA MET A 82 4.77 -18.17 -23.43
C MET A 82 4.38 -17.26 -24.56
N LYS A 83 3.06 -17.14 -24.80
CA LYS A 83 2.51 -16.25 -25.84
C LYS A 83 1.98 -14.98 -25.21
N PHE A 84 2.46 -13.84 -25.72
CA PHE A 84 2.04 -12.53 -25.23
C PHE A 84 1.48 -11.67 -26.33
N GLU A 85 0.42 -10.95 -26.05
CA GLU A 85 -0.19 -10.00 -26.97
C GLU A 85 0.48 -8.65 -26.68
N VAL A 86 1.19 -8.12 -27.68
CA VAL A 86 1.91 -6.85 -27.53
C VAL A 86 1.54 -5.84 -28.64
N LEU A 87 1.84 -4.56 -28.43
CA LEU A 87 1.59 -3.56 -29.44
C LEU A 87 2.88 -3.20 -30.13
N THR A 88 2.81 -2.93 -31.45
CA THR A 88 3.99 -2.52 -32.23
C THR A 88 4.21 -1.03 -31.98
N LEU A 89 5.04 -0.69 -30.99
CA LEU A 89 5.31 0.69 -30.55
C LEU A 89 6.79 1.03 -30.65
N ALA A 90 7.11 2.18 -31.26
CA ALA A 90 8.50 2.63 -31.36
C ALA A 90 9.00 3.23 -30.04
N SER A 91 8.05 3.73 -29.24
CA SER A 91 8.28 4.35 -27.93
C SER A 91 8.34 3.35 -26.74
N LEU A 92 7.88 2.10 -26.95
CA LEU A 92 7.81 1.08 -25.91
C LEU A 92 8.15 -0.30 -26.47
N THR A 93 9.31 -0.84 -26.09
CA THR A 93 9.76 -2.18 -26.55
C THR A 93 8.83 -3.34 -26.17
N THR A 94 8.92 -4.46 -26.92
CA THR A 94 8.19 -5.72 -26.67
C THR A 94 8.58 -6.25 -25.27
N GLU A 95 9.86 -6.19 -24.93
CA GLU A 95 10.44 -6.58 -23.65
C GLU A 95 9.76 -5.85 -22.50
N ILE A 96 9.67 -4.51 -22.53
CA ILE A 96 9.05 -3.70 -21.48
C ILE A 96 7.59 -4.10 -21.28
N GLN A 97 6.84 -4.23 -22.39
CA GLN A 97 5.43 -4.62 -22.39
C GLN A 97 5.22 -5.97 -21.77
N ILE A 98 6.03 -6.96 -22.14
CA ILE A 98 5.93 -8.32 -21.59
C ILE A 98 6.24 -8.35 -20.08
N ASN A 99 7.26 -7.59 -19.65
CA ASN A 99 7.64 -7.48 -18.25
C ASN A 99 6.53 -6.83 -17.43
N ILE A 100 5.76 -5.89 -18.02
CA ILE A 100 4.61 -5.29 -17.35
C ILE A 100 3.57 -6.40 -17.11
N GLU A 101 3.31 -7.23 -18.14
CA GLU A 101 2.36 -8.35 -18.02
C GLU A 101 2.83 -9.38 -16.99
N ILE A 102 4.13 -9.78 -17.03
CA ILE A 102 4.72 -10.74 -16.09
C ILE A 102 4.55 -10.30 -14.64
N GLU A 103 4.98 -9.06 -14.32
CA GLU A 103 4.88 -8.46 -12.98
C GLU A 103 3.43 -8.39 -12.48
N SER A 104 2.48 -8.01 -13.36
CA SER A 104 1.06 -7.97 -12.98
C SER A 104 0.50 -9.38 -12.67
N ARG A 105 0.88 -10.41 -13.47
CA ARG A 105 0.43 -11.79 -13.28
C ARG A 105 0.89 -12.29 -11.93
N LYS A 106 2.11 -11.85 -11.45
CA LYS A 106 2.67 -12.19 -10.13
C LYS A 106 1.79 -11.58 -9.03
N SER A 107 1.42 -10.29 -9.17
CA SER A 107 0.56 -9.58 -8.24
C SER A 107 -0.83 -10.23 -8.20
N TYR A 108 -1.37 -10.61 -9.38
CA TYR A 108 -2.67 -11.24 -9.53
C TYR A 108 -2.72 -12.57 -8.77
N LYS A 109 -1.66 -13.41 -8.86
CA LYS A 109 -1.60 -14.71 -8.16
C LYS A 109 -1.65 -14.48 -6.65
N LYS A 110 -0.97 -13.43 -6.17
CA LYS A 110 -0.89 -13.06 -4.76
C LYS A 110 -2.30 -12.66 -4.26
N MET A 111 -3.09 -11.95 -5.13
CA MET A 111 -4.48 -11.55 -4.91
C MET A 111 -5.36 -12.78 -4.79
N LEU A 112 -5.21 -13.77 -5.71
CA LEU A 112 -5.99 -15.03 -5.70
C LEU A 112 -5.76 -15.73 -4.37
N LYS A 113 -4.49 -15.80 -3.94
CA LYS A 113 -4.09 -16.40 -2.68
C LYS A 113 -4.72 -15.66 -1.49
N GLU A 114 -4.93 -14.35 -1.63
CA GLU A 114 -5.51 -13.55 -0.57
C GLU A 114 -7.07 -13.56 -0.53
N MET A 115 -7.78 -13.44 -1.68
CA MET A 115 -9.24 -13.33 -1.70
C MET A 115 -10.02 -14.27 -2.66
N GLY A 116 -9.34 -15.23 -3.27
CA GLY A 116 -9.97 -16.10 -4.27
C GLY A 116 -10.09 -15.34 -5.58
N GLU A 117 -11.00 -15.74 -6.49
CA GLU A 117 -11.16 -15.00 -7.74
C GLU A 117 -11.55 -13.55 -7.50
N VAL A 118 -11.02 -12.68 -8.30
CA VAL A 118 -11.05 -11.24 -8.22
C VAL A 118 -12.26 -10.60 -8.95
N ALA A 119 -13.00 -9.70 -8.26
CA ALA A 119 -14.18 -8.98 -8.75
C ALA A 119 -13.81 -8.12 -9.95
N PRO A 120 -14.76 -7.87 -10.89
CA PRO A 120 -14.44 -7.08 -12.09
C PRO A 120 -13.70 -5.76 -11.87
N GLU A 121 -14.11 -4.98 -10.86
CA GLU A 121 -13.56 -3.65 -10.53
C GLU A 121 -12.14 -3.72 -9.94
N TYR A 122 -11.64 -4.92 -9.61
CA TYR A 122 -10.30 -5.09 -9.03
C TYR A 122 -9.33 -5.70 -10.04
N ARG A 123 -9.83 -6.05 -11.23
CA ARG A 123 -9.04 -6.64 -12.27
C ARG A 123 -8.37 -5.60 -13.15
N HIS A 124 -7.35 -6.04 -13.86
CA HIS A 124 -6.54 -5.28 -14.81
C HIS A 124 -7.34 -4.92 -16.07
N ASP A 125 -8.46 -5.60 -16.33
CA ASP A 125 -9.26 -5.37 -17.53
C ASP A 125 -10.59 -4.59 -17.27
N SER A 126 -10.68 -3.96 -16.08
CA SER A 126 -11.80 -3.08 -15.74
C SER A 126 -11.80 -1.95 -16.77
N PRO A 127 -12.96 -1.62 -17.34
CA PRO A 127 -13.02 -0.59 -18.41
C PRO A 127 -12.49 0.82 -18.09
N ASP A 128 -12.41 1.20 -16.82
CA ASP A 128 -11.98 2.53 -16.40
C ASP A 128 -10.49 2.68 -16.04
N CYS A 129 -9.65 1.66 -16.29
CA CYS A 129 -8.23 1.71 -15.90
C CYS A 129 -7.47 2.83 -16.55
N GLY A 130 -7.63 2.97 -17.87
CA GLY A 130 -6.99 4.05 -18.61
C GLY A 130 -7.36 5.40 -18.05
N MET A 131 -8.67 5.63 -17.78
CA MET A 131 -9.17 6.89 -17.22
C MET A 131 -8.66 7.18 -15.84
N ILE A 132 -8.43 6.14 -15.03
CA ILE A 132 -7.89 6.30 -13.69
C ILE A 132 -6.46 6.90 -13.82
N ILE A 133 -5.66 6.39 -14.78
CA ILE A 133 -4.31 6.89 -15.03
C ILE A 133 -4.40 8.34 -15.52
N LEU A 134 -5.33 8.64 -16.46
CA LEU A 134 -5.50 9.98 -17.00
C LEU A 134 -5.97 11.03 -15.97
N CYS A 135 -6.54 10.57 -14.84
CA CYS A 135 -6.94 11.46 -13.73
C CYS A 135 -5.72 12.06 -13.07
N ILE A 136 -4.62 11.30 -12.97
CA ILE A 136 -3.36 11.82 -12.45
C ILE A 136 -2.81 12.87 -13.46
N ALA A 137 -2.88 12.57 -14.79
CA ALA A 137 -2.45 13.49 -15.85
C ALA A 137 -3.19 14.80 -15.73
N ALA A 138 -4.52 14.75 -15.43
CA ALA A 138 -5.35 15.93 -15.25
C ALA A 138 -4.87 16.77 -14.08
N LEU A 139 -4.35 16.14 -13.00
CA LEU A 139 -3.85 16.87 -11.82
C LEU A 139 -2.53 17.53 -12.12
N VAL A 140 -1.66 16.83 -12.88
CA VAL A 140 -0.33 17.32 -13.30
C VAL A 140 -0.48 18.53 -14.23
N ILE A 141 -1.44 18.48 -15.18
CA ILE A 141 -1.70 19.56 -16.13
C ILE A 141 -2.06 20.87 -15.41
N THR A 142 -2.81 20.76 -14.32
CA THR A 142 -3.23 21.88 -13.49
C THR A 142 -2.02 22.58 -12.88
N LYS A 143 -1.09 21.78 -12.31
CA LYS A 143 0.11 22.28 -11.66
C LYS A 143 1.19 22.75 -12.63
N LEU A 144 1.05 22.41 -13.93
CA LEU A 144 1.95 22.90 -14.97
C LEU A 144 1.40 24.23 -15.49
N ALA A 145 0.04 24.40 -15.43
CA ALA A 145 -0.70 25.59 -15.84
C ALA A 145 -0.63 26.68 -14.78
N ASP A 148 7.61 24.29 -13.19
CA ASP A 148 8.48 23.36 -12.48
C ASP A 148 7.69 22.18 -11.88
N ARG A 149 8.36 21.31 -11.10
CA ARG A 149 7.73 20.14 -10.48
C ARG A 149 7.33 20.41 -9.03
N SER A 150 7.24 21.72 -8.67
CA SER A 150 6.91 22.24 -7.34
C SER A 150 5.56 21.72 -6.81
N GLY A 151 4.59 21.59 -7.70
CA GLY A 151 3.24 21.19 -7.37
C GLY A 151 3.01 19.72 -7.12
N LEU A 152 4.10 18.91 -7.01
CA LEU A 152 4.05 17.45 -6.78
C LEU A 152 3.39 17.06 -5.44
N THR A 153 3.74 17.73 -4.32
CA THR A 153 3.15 17.45 -2.99
C THR A 153 1.63 17.66 -3.01
N ALA A 154 1.15 18.67 -3.76
CA ALA A 154 -0.26 19.02 -3.92
C ALA A 154 -0.96 18.02 -4.81
N VAL A 155 -0.26 17.50 -5.85
CA VAL A 155 -0.83 16.49 -6.75
C VAL A 155 -1.18 15.21 -5.98
N ILE A 156 -0.22 14.69 -5.17
CA ILE A 156 -0.35 13.49 -4.33
C ILE A 156 -1.53 13.61 -3.37
N ARG A 157 -1.60 14.73 -2.62
CA ARG A 157 -2.64 14.96 -1.63
C ARG A 157 -3.99 15.16 -2.28
N ARG A 158 -4.07 15.85 -3.43
CA ARG A 158 -5.34 16.01 -4.14
C ARG A 158 -5.77 14.65 -4.66
N ALA A 159 -4.81 13.81 -5.13
CA ALA A 159 -5.06 12.46 -5.63
C ALA A 159 -5.57 11.48 -4.59
N ASN A 160 -5.05 11.49 -3.33
CA ASN A 160 -5.51 10.59 -2.25
C ASN A 160 -6.96 10.87 -1.84
N ASN A 161 -7.45 12.15 -2.02
CA ASN A 161 -8.83 12.53 -1.74
C ASN A 161 -9.75 12.17 -2.90
N VAL A 162 -9.47 12.71 -4.11
CA VAL A 162 -10.31 12.51 -5.31
C VAL A 162 -10.28 11.03 -5.80
N LEU A 163 -9.14 10.32 -5.66
CA LEU A 163 -9.09 8.95 -6.13
C LEU A 163 -8.99 7.92 -4.99
N LYS A 164 -9.77 8.15 -3.89
CA LYS A 164 -9.81 7.31 -2.70
C LYS A 164 -10.40 5.94 -2.99
N ASN A 165 -11.50 5.86 -3.77
CA ASN A 165 -12.15 4.59 -4.11
C ASN A 165 -11.27 3.78 -5.04
N GLU A 166 -10.61 4.47 -5.98
CA GLU A 166 -9.74 3.87 -7.01
C GLU A 166 -8.43 3.32 -6.40
N MET A 167 -7.87 4.04 -5.39
CA MET A 167 -6.67 3.62 -4.67
C MET A 167 -6.97 2.37 -3.83
N LYS A 168 -8.21 2.26 -3.32
CA LYS A 168 -8.72 1.13 -2.56
C LYS A 168 -8.85 -0.11 -3.48
N ARG A 169 -9.21 0.12 -4.75
CA ARG A 169 -9.34 -0.92 -5.77
C ARG A 169 -7.98 -1.37 -6.32
N TYR A 170 -6.98 -0.46 -6.42
CA TYR A 170 -5.70 -0.75 -7.08
C TYR A 170 -4.44 -0.45 -6.26
N LYS A 171 -3.66 -1.51 -5.96
CA LYS A 171 -2.38 -1.44 -5.22
C LYS A 171 -1.29 -0.63 -5.95
N GLY A 172 -1.34 -0.66 -7.27
CA GLY A 172 -0.41 0.07 -8.14
C GLY A 172 -0.78 1.52 -8.41
N LEU A 173 -1.93 2.00 -7.88
CA LEU A 173 -2.30 3.40 -8.05
C LEU A 173 -1.49 4.18 -7.00
N LEU A 174 -0.27 4.58 -7.41
CA LEU A 174 0.71 5.28 -6.58
C LEU A 174 0.85 6.69 -7.15
N PRO A 175 0.10 7.67 -6.57
CA PRO A 175 0.09 9.02 -7.14
C PRO A 175 1.45 9.69 -7.35
N LYS A 176 2.38 9.55 -6.38
CA LYS A 176 3.73 10.14 -6.45
C LYS A 176 4.46 9.67 -7.72
N ASP A 177 4.51 8.33 -7.94
CA ASP A 177 5.17 7.72 -9.08
C ASP A 177 4.51 8.05 -10.40
N ILE A 178 3.15 7.98 -10.46
CA ILE A 178 2.39 8.27 -11.67
C ILE A 178 2.53 9.75 -12.04
N ALA A 179 2.39 10.68 -11.06
CA ALA A 179 2.55 12.13 -11.29
C ALA A 179 3.93 12.46 -11.80
N ASN A 180 4.98 11.84 -11.24
CA ASN A 180 6.37 12.03 -11.69
C ASN A 180 6.52 11.60 -13.13
N SER A 181 5.91 10.44 -13.50
CA SER A 181 5.92 9.91 -14.86
C SER A 181 5.25 10.87 -15.85
N PHE A 182 4.14 11.53 -15.46
CA PHE A 182 3.47 12.50 -16.34
C PHE A 182 4.25 13.79 -16.48
N TYR A 183 4.85 14.28 -15.36
CA TYR A 183 5.68 15.49 -15.35
C TYR A 183 6.81 15.26 -16.34
N GLU A 184 7.46 14.10 -16.24
CA GLU A 184 8.55 13.65 -17.10
C GLU A 184 8.11 13.63 -18.57
N VAL A 185 6.98 12.94 -18.94
CA VAL A 185 6.54 12.93 -20.35
C VAL A 185 6.20 14.31 -20.89
N PHE A 186 5.50 15.17 -20.12
CA PHE A 186 5.15 16.51 -20.61
C PHE A 186 6.38 17.40 -20.81
N GLU A 187 7.43 17.19 -19.99
CA GLU A 187 8.69 17.91 -20.10
C GLU A 187 9.49 17.39 -21.30
N LYS A 188 9.63 16.05 -21.41
CA LYS A 188 10.37 15.36 -22.47
C LYS A 188 9.69 15.46 -23.84
N HIS A 189 8.35 15.33 -23.88
CA HIS A 189 7.55 15.38 -25.10
C HIS A 189 6.41 16.40 -24.97
N PRO A 190 6.72 17.72 -25.06
CA PRO A 190 5.67 18.74 -24.89
C PRO A 190 4.44 18.61 -25.82
N HIS A 191 4.57 17.90 -26.96
CA HIS A 191 3.46 17.71 -27.87
C HIS A 191 2.35 16.94 -27.22
N PHE A 192 2.65 16.18 -26.16
CA PHE A 192 1.66 15.42 -25.39
C PHE A 192 0.72 16.34 -24.59
N ILE A 193 1.15 17.55 -24.27
CA ILE A 193 0.33 18.55 -23.58
C ILE A 193 -0.85 18.89 -24.52
N ASP A 194 -0.55 19.19 -25.80
CA ASP A 194 -1.56 19.51 -26.82
C ASP A 194 -2.53 18.34 -27.00
N VAL A 195 -2.01 17.10 -27.06
CA VAL A 195 -2.82 15.89 -27.21
C VAL A 195 -3.75 15.72 -26.01
N PHE A 196 -3.19 15.85 -24.79
CA PHE A 196 -3.98 15.72 -23.58
C PHE A 196 -5.10 16.75 -23.48
N VAL A 197 -4.82 18.02 -23.81
CA VAL A 197 -5.80 19.09 -23.72
C VAL A 197 -6.96 18.84 -24.70
N HIS A 198 -6.67 18.44 -25.96
CA HIS A 198 -7.70 18.12 -26.94
C HIS A 198 -8.49 16.90 -26.45
N PHE A 199 -7.79 15.88 -25.87
CA PHE A 199 -8.49 14.72 -25.32
C PHE A 199 -9.48 15.14 -24.23
N GLY A 200 -9.02 15.94 -23.27
CA GLY A 200 -9.81 16.43 -22.15
C GLY A 200 -11.00 17.27 -22.53
N ILE A 201 -10.88 18.13 -23.57
CA ILE A 201 -11.99 18.94 -24.09
C ILE A 201 -13.03 18.01 -24.73
N ALA A 202 -12.61 17.05 -25.57
CA ALA A 202 -13.49 16.08 -26.20
C ALA A 202 -14.19 15.17 -25.19
N GLN A 203 -13.43 14.70 -24.18
CA GLN A 203 -13.98 13.81 -23.16
C GLN A 203 -15.03 14.50 -22.27
N SER A 204 -14.70 15.70 -21.76
CA SER A 204 -15.54 16.47 -20.83
C SER A 204 -16.85 16.96 -21.46
N SER A 205 -17.07 16.62 -22.75
CA SER A 205 -18.28 16.87 -23.53
C SER A 205 -19.24 15.70 -23.32
N THR A 206 -18.72 14.44 -23.22
CA THR A 206 -19.57 13.27 -22.95
C THR A 206 -20.37 13.45 -21.62
N ARG A 207 -21.67 13.18 -21.65
CA ARG A 207 -22.52 13.26 -20.47
C ARG A 207 -22.57 11.86 -19.83
N GLY A 208 -22.63 11.77 -18.50
CA GLY A 208 -22.69 10.50 -17.78
C GLY A 208 -21.53 9.56 -18.07
N GLY A 209 -21.81 8.27 -18.14
CA GLY A 209 -20.79 7.26 -18.39
C GLY A 209 -20.49 6.48 -17.13
N SER A 210 -19.26 6.63 -16.59
CA SER A 210 -18.77 5.99 -15.35
C SER A 210 -18.39 7.04 -14.30
N ARG A 211 -18.23 6.60 -13.04
CA ARG A 211 -17.77 7.41 -11.91
C ARG A 211 -16.39 8.06 -12.26
N VAL A 212 -15.43 7.26 -12.78
CA VAL A 212 -14.09 7.75 -13.14
C VAL A 212 -14.14 8.74 -14.33
N GLU A 213 -15.04 8.53 -15.33
CA GLU A 213 -15.14 9.47 -16.44
C GLU A 213 -15.62 10.82 -15.88
N GLY A 214 -16.51 10.75 -14.88
CA GLY A 214 -17.05 11.91 -14.18
C GLY A 214 -15.99 12.62 -13.36
N ILE A 215 -15.14 11.83 -12.62
CA ILE A 215 -14.04 12.37 -11.83
C ILE A 215 -13.06 13.10 -12.77
N PHE A 216 -12.68 12.44 -13.89
CA PHE A 216 -11.79 13.07 -14.86
C PHE A 216 -12.32 14.40 -15.34
N ALA A 217 -13.60 14.45 -15.81
CA ALA A 217 -14.21 15.66 -16.33
C ALA A 217 -14.14 16.83 -15.34
N GLY A 218 -14.43 16.55 -14.06
CA GLY A 218 -14.36 17.52 -12.97
C GLY A 218 -12.95 17.98 -12.73
N LEU A 219 -11.96 17.06 -12.69
CA LEU A 219 -10.54 17.39 -12.52
C LEU A 219 -10.03 18.24 -13.65
N PHE A 220 -10.40 17.91 -14.93
CA PHE A 220 -9.98 18.62 -16.13
C PHE A 220 -10.55 20.06 -16.14
N MET A 221 -11.86 20.18 -15.85
CA MET A 221 -12.57 21.46 -15.79
C MET A 221 -11.94 22.42 -14.80
N ASN A 222 -11.33 21.89 -13.73
CA ASN A 222 -10.66 22.62 -12.66
C ASN A 222 -9.44 23.43 -13.14
N ALA A 223 -8.81 23.02 -14.28
CA ALA A 223 -7.66 23.72 -14.89
C ALA A 223 -8.02 25.13 -15.45
N TYR A 224 -9.27 25.60 -15.16
CA TYR A 224 -9.83 26.89 -15.60
C TYR A 224 -10.56 27.55 -14.41
N GLY A 225 -11.34 26.76 -13.65
CA GLY A 225 -12.10 27.18 -12.46
C GLY A 225 -13.53 26.65 -12.41
N SER B 5 -6.39 -10.05 37.22
CA SER B 5 -4.93 -9.95 37.16
C SER B 5 -4.45 -9.54 35.76
N ILE B 6 -4.07 -8.24 35.60
CA ILE B 6 -3.59 -7.73 34.30
C ILE B 6 -2.13 -7.26 34.42
N ASP B 7 -1.28 -7.65 33.45
CA ASP B 7 0.14 -7.28 33.38
C ASP B 7 0.26 -5.80 33.06
N THR B 8 1.07 -5.05 33.83
CA THR B 8 1.22 -3.61 33.61
C THR B 8 2.69 -3.30 33.42
N PRO B 9 3.22 -3.52 32.18
CA PRO B 9 4.64 -3.26 31.94
C PRO B 9 4.99 -1.79 32.05
N ASN B 10 6.15 -1.50 32.62
CA ASN B 10 6.60 -0.13 32.77
C ASN B 10 7.58 0.25 31.62
N TYR B 11 8.10 1.49 31.62
CA TYR B 11 9.00 1.99 30.60
C TYR B 11 10.26 1.11 30.40
N ASP B 12 10.75 0.50 31.49
CA ASP B 12 11.95 -0.34 31.55
C ASP B 12 11.91 -1.56 30.63
N VAL B 13 10.72 -2.07 30.25
CA VAL B 13 10.62 -3.26 29.41
C VAL B 13 10.14 -2.96 27.98
N GLN B 14 10.02 -1.67 27.64
CA GLN B 14 9.59 -1.20 26.33
C GLN B 14 10.49 -1.71 25.22
N LYS B 15 11.84 -1.64 25.42
CA LYS B 15 12.83 -2.11 24.45
C LYS B 15 12.66 -3.62 24.18
N HIS B 16 12.41 -4.40 25.25
CA HIS B 16 12.18 -5.84 25.17
C HIS B 16 10.95 -6.15 24.37
N ILE B 17 9.81 -5.48 24.69
CA ILE B 17 8.56 -5.70 23.99
C ILE B 17 8.66 -5.28 22.53
N ASN B 18 9.41 -4.20 22.28
CA ASN B 18 9.62 -3.73 20.92
C ASN B 18 10.29 -4.84 20.08
N LYS B 19 11.34 -5.50 20.66
CA LYS B 19 12.12 -6.60 20.06
C LYS B 19 11.24 -7.86 19.85
N LEU B 20 10.31 -8.15 20.79
CA LEU B 20 9.35 -9.25 20.69
C LEU B 20 8.41 -9.03 19.49
N CYS B 21 7.94 -7.79 19.28
CA CYS B 21 7.13 -7.42 18.12
C CYS B 21 7.95 -7.65 16.85
N GLY B 22 9.20 -7.18 16.85
CA GLY B 22 10.13 -7.32 15.73
C GLY B 22 10.44 -8.76 15.35
N MET B 23 10.54 -9.62 16.37
CA MET B 23 10.78 -11.05 16.17
C MET B 23 9.62 -11.69 15.43
N LEU B 24 8.37 -11.28 15.70
CA LEU B 24 7.19 -11.78 14.98
C LEU B 24 7.17 -11.27 13.55
N LEU B 25 7.53 -9.98 13.37
CA LEU B 25 7.55 -9.31 12.06
C LEU B 25 8.58 -9.93 11.10
N ILE B 26 9.68 -10.43 11.62
CA ILE B 26 10.68 -11.06 10.75
C ILE B 26 10.37 -12.55 10.53
N THR B 27 9.38 -13.13 11.26
CA THR B 27 9.07 -14.56 11.11
C THR B 27 8.19 -14.87 9.91
N GLU B 28 8.71 -15.70 8.99
CA GLU B 28 7.98 -16.19 7.81
C GLU B 28 6.82 -17.02 8.33
N ASP B 29 5.59 -16.73 7.85
CA ASP B 29 4.36 -17.43 8.23
C ASP B 29 4.24 -17.52 9.76
N ALA B 30 4.48 -16.37 10.42
CA ALA B 30 4.43 -16.22 11.88
C ALA B 30 3.05 -16.60 12.43
N ASN B 31 3.02 -17.21 13.63
CA ASN B 31 1.76 -17.53 14.31
C ASN B 31 1.43 -16.27 15.10
N HIS B 32 0.39 -15.56 14.66
CA HIS B 32 0.00 -14.27 15.25
C HIS B 32 -1.06 -14.38 16.35
N LYS B 33 -1.23 -15.57 16.94
CA LYS B 33 -2.19 -15.83 18.01
C LYS B 33 -2.02 -14.87 19.21
N PHE B 34 -0.77 -14.48 19.52
CA PHE B 34 -0.46 -13.64 20.68
C PHE B 34 -0.08 -12.20 20.35
N THR B 35 -0.12 -11.83 19.06
CA THR B 35 0.29 -10.52 18.57
C THR B 35 -0.60 -9.40 19.12
N GLY B 36 -1.90 -9.63 19.24
CA GLY B 36 -2.84 -8.67 19.81
C GLY B 36 -2.44 -8.30 21.24
N LEU B 37 -2.12 -9.32 22.05
CA LEU B 37 -1.69 -9.14 23.43
C LEU B 37 -0.35 -8.44 23.49
N ILE B 38 0.63 -8.90 22.71
CA ILE B 38 1.99 -8.33 22.67
C ILE B 38 1.95 -6.87 22.27
N GLY B 39 1.13 -6.54 21.26
CA GLY B 39 0.96 -5.17 20.80
C GLY B 39 0.43 -4.30 21.91
N MET B 40 -0.56 -4.81 22.67
CA MET B 40 -1.18 -4.15 23.83
C MET B 40 -0.21 -3.98 24.97
N LEU B 41 0.68 -4.96 25.19
CA LEU B 41 1.74 -4.89 26.18
C LEU B 41 2.71 -3.78 25.78
N TYR B 42 3.04 -3.65 24.47
CA TYR B 42 3.90 -2.56 23.99
C TYR B 42 3.27 -1.20 24.27
N ALA B 43 1.96 -1.03 23.94
CA ALA B 43 1.22 0.21 24.20
C ALA B 43 1.26 0.59 25.69
N MET B 44 1.07 -0.39 26.58
CA MET B 44 1.12 -0.20 28.03
C MET B 44 2.53 0.21 28.51
N SER B 45 3.59 -0.38 27.93
CA SER B 45 4.96 -0.02 28.28
C SER B 45 5.30 1.40 27.81
N ARG B 46 4.61 1.88 26.77
CA ARG B 46 4.76 3.24 26.22
C ARG B 46 4.03 4.25 27.11
N LEU B 47 2.89 3.83 27.70
CA LEU B 47 2.16 4.66 28.61
C LEU B 47 2.87 4.70 29.97
N GLY B 48 3.49 3.57 30.32
CA GLY B 48 4.11 3.37 31.61
C GLY B 48 3.10 2.77 32.56
N ARG B 49 3.56 2.07 33.62
CA ARG B 49 2.74 1.40 34.64
C ARG B 49 1.73 2.32 35.32
N GLU B 50 2.18 3.48 35.84
CA GLU B 50 1.31 4.43 36.55
C GLU B 50 0.15 4.94 35.70
N ASP B 51 0.41 5.39 34.46
CA ASP B 51 -0.65 5.88 33.59
C ASP B 51 -1.61 4.78 33.18
N THR B 52 -1.09 3.54 32.94
CA THR B 52 -1.92 2.37 32.60
C THR B 52 -2.93 2.10 33.75
N ILE B 53 -2.45 1.96 34.99
CA ILE B 53 -3.28 1.70 36.18
C ILE B 53 -4.32 2.81 36.37
N LYS B 54 -3.91 4.06 36.10
CA LYS B 54 -4.77 5.25 36.19
C LYS B 54 -5.93 5.16 35.17
N ILE B 55 -5.62 4.79 33.92
CA ILE B 55 -6.60 4.65 32.83
C ILE B 55 -7.62 3.58 33.20
N LEU B 56 -7.11 2.41 33.61
CA LEU B 56 -7.90 1.25 33.97
C LEU B 56 -8.86 1.56 35.13
N ARG B 57 -8.36 2.18 36.24
CA ARG B 57 -9.15 2.56 37.41
C ARG B 57 -10.19 3.63 37.06
N ASP B 58 -9.80 4.64 36.26
CA ASP B 58 -10.69 5.72 35.81
C ASP B 58 -11.78 5.20 34.85
N ALA B 59 -11.52 4.11 34.12
CA ALA B 59 -12.51 3.49 33.23
C ALA B 59 -13.46 2.56 33.99
N GLY B 60 -13.24 2.41 35.32
CA GLY B 60 -14.07 1.59 36.19
C GLY B 60 -13.65 0.14 36.37
N TYR B 61 -12.54 -0.25 35.77
CA TYR B 61 -12.02 -1.62 35.90
C TYR B 61 -11.27 -1.77 37.22
N HIS B 62 -11.41 -2.93 37.86
CA HIS B 62 -10.68 -3.22 39.09
C HIS B 62 -9.40 -3.92 38.64
N VAL B 63 -8.24 -3.40 39.03
CA VAL B 63 -7.00 -3.95 38.51
C VAL B 63 -6.03 -4.44 39.57
N LYS B 64 -5.64 -5.72 39.40
CA LYS B 64 -4.63 -6.39 40.20
C LYS B 64 -3.40 -6.34 39.30
N ALA B 65 -2.57 -5.31 39.53
CA ALA B 65 -1.38 -5.06 38.74
C ALA B 65 -0.23 -6.05 38.97
N ASN B 66 0.20 -6.70 37.87
CA ASN B 66 1.31 -7.64 37.86
C ASN B 66 2.54 -6.92 37.28
N GLY B 67 3.59 -6.86 38.09
CA GLY B 67 4.86 -6.25 37.70
C GLY B 67 5.53 -7.06 36.62
N VAL B 68 6.10 -6.38 35.64
CA VAL B 68 6.76 -7.04 34.52
C VAL B 68 8.27 -6.81 34.58
N ASP B 69 9.02 -7.90 34.79
CA ASP B 69 10.49 -7.87 34.89
C ASP B 69 11.10 -8.79 33.86
N VAL B 70 12.37 -8.51 33.51
CA VAL B 70 13.12 -9.32 32.56
C VAL B 70 13.86 -10.36 33.36
N THR B 71 13.71 -11.62 32.99
CA THR B 71 14.40 -12.75 33.62
C THR B 71 15.15 -13.55 32.56
N THR B 72 16.29 -14.17 32.95
CA THR B 72 17.08 -15.02 32.08
C THR B 72 16.61 -16.44 32.35
N HIS B 73 16.12 -17.11 31.28
CA HIS B 73 15.62 -18.46 31.35
C HIS B 73 16.54 -19.40 30.60
N ARG B 74 17.01 -20.46 31.30
CA ARG B 74 17.88 -21.49 30.73
C ARG B 74 17.01 -22.62 30.25
N GLN B 75 17.13 -22.93 28.96
CA GLN B 75 16.39 -23.97 28.26
C GLN B 75 17.30 -24.27 27.12
N ASP B 76 18.30 -25.13 27.32
CA ASP B 76 19.24 -25.44 26.26
C ASP B 76 18.73 -26.61 25.41
N ILE B 77 18.29 -26.29 24.18
CA ILE B 77 17.77 -27.24 23.20
C ILE B 77 18.54 -27.01 21.91
N ASN B 78 19.28 -28.06 21.49
CA ASN B 78 20.14 -28.14 20.29
C ASN B 78 21.34 -27.19 20.40
N GLY B 79 21.92 -27.15 21.60
CA GLY B 79 23.09 -26.35 21.92
C GLY B 79 23.82 -26.97 23.08
N PHE B 84 17.79 -17.45 27.40
CA PHE B 84 16.82 -16.54 26.80
C PHE B 84 16.37 -15.46 27.75
N GLU B 85 16.20 -14.25 27.25
CA GLU B 85 15.70 -13.13 28.02
C GLU B 85 14.18 -13.13 27.82
N VAL B 86 13.42 -13.31 28.91
CA VAL B 86 11.96 -13.36 28.86
C VAL B 86 11.32 -12.39 29.87
N LEU B 87 10.02 -12.08 29.67
CA LEU B 87 9.32 -11.20 30.60
C LEU B 87 8.43 -12.02 31.51
N THR B 88 8.29 -11.59 32.77
CA THR B 88 7.41 -12.27 33.74
C THR B 88 5.98 -11.78 33.48
N LEU B 89 5.22 -12.55 32.66
CA LEU B 89 3.86 -12.21 32.23
C LEU B 89 2.84 -13.27 32.56
N ALA B 90 1.78 -12.89 33.32
CA ALA B 90 0.70 -13.83 33.68
C ALA B 90 -0.06 -14.24 32.41
N SER B 91 -0.12 -13.31 31.43
CA SER B 91 -0.83 -13.48 30.16
C SER B 91 -0.05 -14.22 29.04
N LEU B 92 1.30 -14.36 29.19
CA LEU B 92 2.15 -14.99 28.19
C LEU B 92 3.25 -15.86 28.81
N THR B 93 3.18 -17.17 28.62
CA THR B 93 4.17 -18.13 29.18
C THR B 93 5.59 -17.95 28.66
N THR B 94 6.58 -18.42 29.43
CA THR B 94 8.00 -18.43 29.10
C THR B 94 8.21 -19.26 27.82
N GLU B 95 7.53 -20.42 27.72
CA GLU B 95 7.54 -21.33 26.57
C GLU B 95 7.14 -20.59 25.27
N ILE B 96 6.00 -19.86 25.25
CA ILE B 96 5.51 -19.14 24.08
C ILE B 96 6.53 -18.10 23.63
N GLN B 97 7.06 -17.30 24.60
CA GLN B 97 8.06 -16.27 24.36
C GLN B 97 9.32 -16.85 23.73
N ILE B 98 9.84 -17.95 24.27
CA ILE B 98 11.05 -18.59 23.77
C ILE B 98 10.85 -19.15 22.34
N ASN B 99 9.68 -19.74 22.07
CA ASN B 99 9.34 -20.27 20.75
C ASN B 99 9.22 -19.15 19.71
N ILE B 100 8.78 -17.95 20.12
CA ILE B 100 8.74 -16.80 19.24
C ILE B 100 10.19 -16.45 18.85
N GLU B 101 11.12 -16.42 19.85
CA GLU B 101 12.52 -16.13 19.60
C GLU B 101 13.18 -17.18 18.71
N ILE B 102 12.94 -18.49 18.98
CA ILE B 102 13.49 -19.60 18.20
C ILE B 102 13.11 -19.47 16.72
N GLU B 103 11.79 -19.36 16.43
CA GLU B 103 11.25 -19.23 15.08
C GLU B 103 11.80 -18.00 14.33
N SER B 104 11.93 -16.85 15.02
CA SER B 104 12.50 -15.66 14.41
C SER B 104 14.00 -15.82 14.09
N ARG B 105 14.78 -16.50 14.96
CA ARG B 105 16.21 -16.75 14.73
C ARG B 105 16.37 -17.54 13.45
N LYS B 106 15.42 -18.49 13.17
CA LYS B 106 15.41 -19.33 11.96
C LYS B 106 15.18 -18.44 10.71
N SER B 107 14.21 -17.50 10.79
CA SER B 107 13.90 -16.53 9.71
C SER B 107 15.02 -15.48 9.47
N TYR B 108 15.73 -15.12 10.57
CA TYR B 108 16.87 -14.21 10.55
C TYR B 108 18.01 -14.83 9.76
N LYS B 109 18.35 -16.09 10.10
CA LYS B 109 19.45 -16.80 9.47
C LYS B 109 19.21 -16.98 7.98
N LYS B 110 17.96 -17.23 7.56
CA LYS B 110 17.54 -17.39 6.16
C LYS B 110 17.80 -16.08 5.42
N MET B 111 17.49 -14.94 6.10
CA MET B 111 17.65 -13.59 5.61
C MET B 111 19.12 -13.22 5.46
N LEU B 112 19.96 -13.49 6.50
CA LEU B 112 21.41 -13.20 6.48
C LEU B 112 22.14 -13.96 5.36
N LYS B 113 21.76 -15.23 5.10
CA LYS B 113 22.37 -16.07 4.04
C LYS B 113 22.05 -15.49 2.64
N GLU B 114 20.75 -15.19 2.39
CA GLU B 114 20.22 -14.68 1.13
C GLU B 114 20.85 -13.39 0.66
N MET B 115 20.87 -12.37 1.53
CA MET B 115 21.38 -11.05 1.18
C MET B 115 22.66 -10.59 1.91
N GLY B 116 23.30 -11.48 2.67
CA GLY B 116 24.46 -11.08 3.47
C GLY B 116 23.96 -10.29 4.67
N GLU B 117 24.76 -9.32 5.16
CA GLU B 117 24.40 -8.44 6.28
C GLU B 117 22.93 -7.93 6.22
N VAL B 118 22.14 -8.11 7.32
CA VAL B 118 20.75 -7.63 7.37
C VAL B 118 20.73 -6.16 7.76
N ALA B 119 20.19 -5.31 6.84
CA ALA B 119 20.09 -3.87 6.96
C ALA B 119 19.25 -3.51 8.18
N PRO B 120 19.51 -2.34 8.83
CA PRO B 120 18.78 -1.97 10.04
C PRO B 120 17.26 -2.08 9.97
N GLU B 121 16.68 -1.66 8.84
CA GLU B 121 15.24 -1.61 8.63
C GLU B 121 14.59 -2.99 8.44
N TYR B 122 15.40 -4.05 8.28
CA TYR B 122 14.89 -5.41 8.08
C TYR B 122 15.08 -6.28 9.33
N ARG B 123 15.65 -5.70 10.41
CA ARG B 123 15.94 -6.36 11.68
C ARG B 123 14.73 -6.38 12.64
N HIS B 124 14.75 -7.34 13.57
CA HIS B 124 13.76 -7.54 14.62
C HIS B 124 13.87 -6.47 15.71
N ASP B 125 15.00 -5.73 15.77
CA ASP B 125 15.20 -4.73 16.82
C ASP B 125 15.05 -3.27 16.34
N SER B 126 14.51 -3.06 15.10
CA SER B 126 14.30 -1.72 14.54
C SER B 126 13.41 -0.99 15.54
N PRO B 127 13.77 0.24 15.92
CA PRO B 127 12.98 0.96 16.91
C PRO B 127 11.48 1.08 16.64
N ASP B 128 11.06 0.95 15.37
CA ASP B 128 9.68 1.16 14.95
C ASP B 128 8.82 -0.09 14.87
N CYS B 129 9.32 -1.28 15.32
CA CYS B 129 8.60 -2.58 15.25
C CYS B 129 7.28 -2.65 16.04
N GLY B 130 7.28 -2.21 17.29
CA GLY B 130 6.06 -2.19 18.10
C GLY B 130 4.97 -1.35 17.46
N MET B 131 5.36 -0.18 16.92
CA MET B 131 4.43 0.74 16.26
C MET B 131 3.86 0.18 14.99
N ILE B 132 4.60 -0.68 14.26
CA ILE B 132 4.11 -1.33 13.04
C ILE B 132 2.92 -2.23 13.43
N ILE B 133 3.07 -2.98 14.55
CA ILE B 133 2.01 -3.85 15.07
C ILE B 133 0.79 -2.98 15.49
N LEU B 134 1.05 -1.88 16.20
CA LEU B 134 -0.01 -0.98 16.67
C LEU B 134 -0.78 -0.27 15.54
N CYS B 135 -0.20 -0.22 14.33
CA CYS B 135 -0.86 0.35 13.14
C CYS B 135 -2.03 -0.52 12.74
N ILE B 136 -1.89 -1.85 12.90
CA ILE B 136 -2.98 -2.77 12.61
C ILE B 136 -4.09 -2.57 13.67
N ALA B 137 -3.68 -2.41 14.96
CA ALA B 137 -4.61 -2.15 16.07
C ALA B 137 -5.41 -0.90 15.78
N ALA B 138 -4.76 0.15 15.25
CA ALA B 138 -5.41 1.40 14.86
C ALA B 138 -6.49 1.19 13.81
N LEU B 139 -6.28 0.26 12.87
CA LEU B 139 -7.24 -0.03 11.80
C LEU B 139 -8.44 -0.79 12.34
N VAL B 140 -8.21 -1.80 13.20
CA VAL B 140 -9.24 -2.65 13.83
C VAL B 140 -10.16 -1.80 14.71
N ILE B 141 -9.57 -0.90 15.50
CA ILE B 141 -10.25 0.00 16.43
C ILE B 141 -11.30 0.83 15.70
N THR B 142 -10.95 1.33 14.50
CA THR B 142 -11.81 2.10 13.59
C THR B 142 -13.04 1.28 13.24
N LYS B 143 -12.84 0.02 12.87
CA LYS B 143 -13.90 -0.88 12.46
C LYS B 143 -14.72 -1.49 13.60
N LEU B 144 -14.23 -1.41 14.84
CA LEU B 144 -14.84 -2.02 16.02
C LEU B 144 -16.24 -1.50 16.38
N ALA B 145 -16.59 -0.30 15.88
CA ALA B 145 -17.90 0.36 16.08
C ALA B 145 -19.05 -0.50 15.58
N ALA B 146 -18.79 -1.25 14.48
CA ALA B 146 -19.72 -2.19 13.84
C ALA B 146 -20.31 -3.25 14.81
N GLY B 147 -19.52 -3.68 15.81
CA GLY B 147 -19.91 -4.67 16.82
C GLY B 147 -19.57 -6.10 16.48
N ASP B 148 -19.18 -6.35 15.21
CA ASP B 148 -18.78 -7.66 14.69
C ASP B 148 -17.40 -7.59 14.00
N ARG B 149 -16.97 -8.69 13.36
CA ARG B 149 -15.69 -8.76 12.67
C ARG B 149 -15.84 -8.52 11.18
N SER B 150 -16.97 -7.89 10.78
CA SER B 150 -17.36 -7.56 9.39
C SER B 150 -16.35 -6.70 8.65
N GLY B 151 -15.77 -5.74 9.38
CA GLY B 151 -14.81 -4.80 8.82
C GLY B 151 -13.42 -5.31 8.57
N LEU B 152 -13.14 -6.62 8.81
CA LEU B 152 -11.82 -7.26 8.61
C LEU B 152 -11.28 -7.12 7.18
N THR B 153 -12.12 -7.26 6.14
CA THR B 153 -11.66 -7.11 4.75
C THR B 153 -11.20 -5.67 4.46
N ALA B 154 -11.98 -4.67 4.93
CA ALA B 154 -11.61 -3.27 4.82
C ALA B 154 -10.31 -3.00 5.56
N VAL B 155 -10.06 -3.70 6.68
CA VAL B 155 -8.82 -3.56 7.46
C VAL B 155 -7.63 -4.02 6.59
N ILE B 156 -7.77 -5.21 5.92
CA ILE B 156 -6.75 -5.76 5.03
C ILE B 156 -6.49 -4.81 3.84
N ARG B 157 -7.56 -4.35 3.13
CA ARG B 157 -7.53 -3.39 1.98
C ARG B 157 -6.74 -2.12 2.37
N ARG B 158 -7.09 -1.57 3.56
CA ARG B 158 -6.50 -0.34 4.05
C ARG B 158 -5.04 -0.54 4.50
N ALA B 159 -4.73 -1.68 5.17
CA ALA B 159 -3.37 -2.00 5.66
C ALA B 159 -2.43 -2.18 4.49
N ASN B 160 -2.83 -3.01 3.52
CA ASN B 160 -2.08 -3.32 2.31
C ASN B 160 -1.65 -2.08 1.56
N ASN B 161 -2.35 -0.95 1.74
CA ASN B 161 -2.06 0.34 1.11
C ASN B 161 -1.19 1.23 1.98
N VAL B 162 -1.63 1.51 3.20
CA VAL B 162 -0.92 2.40 4.15
C VAL B 162 0.43 1.80 4.68
N LEU B 163 0.52 0.46 4.87
CA LEU B 163 1.73 -0.22 5.35
C LEU B 163 2.52 -0.97 4.26
N LYS B 164 2.48 -0.48 2.99
CA LYS B 164 3.14 -1.07 1.83
C LYS B 164 4.65 -1.19 2.01
N ASN B 165 5.31 -0.15 2.55
CA ASN B 165 6.76 -0.16 2.78
C ASN B 165 7.12 -1.11 3.88
N GLU B 166 6.30 -1.18 4.94
CA GLU B 166 6.50 -2.02 6.11
C GLU B 166 6.33 -3.50 5.79
N MET B 167 5.34 -3.83 4.92
CA MET B 167 5.10 -5.20 4.45
C MET B 167 6.26 -5.69 3.62
N LYS B 168 6.88 -4.77 2.87
CA LYS B 168 8.05 -5.01 2.00
C LYS B 168 9.28 -5.33 2.89
N ARG B 169 9.36 -4.69 4.06
CA ARG B 169 10.44 -4.89 5.04
C ARG B 169 10.25 -6.16 5.88
N TYR B 170 8.99 -6.52 6.18
CA TYR B 170 8.71 -7.62 7.10
C TYR B 170 7.78 -8.72 6.55
N LYS B 171 8.36 -9.94 6.41
CA LYS B 171 7.67 -11.14 5.94
C LYS B 171 6.52 -11.57 6.85
N GLY B 172 6.65 -11.30 8.17
CA GLY B 172 5.66 -11.61 9.19
C GLY B 172 4.56 -10.57 9.34
N LEU B 173 4.61 -9.46 8.59
CA LEU B 173 3.56 -8.45 8.66
C LEU B 173 2.42 -8.96 7.77
N LEU B 174 1.54 -9.78 8.40
CA LEU B 174 0.40 -10.46 7.75
C LEU B 174 -0.86 -9.79 8.32
N PRO B 175 -1.40 -8.78 7.60
CA PRO B 175 -2.54 -8.01 8.14
C PRO B 175 -3.75 -8.83 8.59
N LYS B 176 -4.16 -9.86 7.80
CA LYS B 176 -5.30 -10.72 8.14
C LYS B 176 -5.12 -11.36 9.52
N ASP B 177 -3.96 -12.00 9.76
CA ASP B 177 -3.65 -12.67 11.02
C ASP B 177 -3.53 -11.70 12.19
N ILE B 178 -2.83 -10.55 11.99
CA ILE B 178 -2.64 -9.53 13.03
C ILE B 178 -3.98 -8.88 13.38
N ALA B 179 -4.81 -8.49 12.37
CA ALA B 179 -6.13 -7.90 12.59
C ALA B 179 -7.04 -8.84 13.36
N ASN B 180 -7.03 -10.14 13.02
CA ASN B 180 -7.82 -11.16 13.72
C ASN B 180 -7.39 -11.23 15.17
N SER B 181 -6.05 -11.20 15.44
CA SER B 181 -5.49 -11.20 16.79
C SER B 181 -5.94 -9.99 17.61
N PHE B 182 -6.02 -8.80 16.99
CA PHE B 182 -6.50 -7.61 17.71
C PHE B 182 -8.01 -7.65 17.98
N TYR B 183 -8.80 -8.12 17.00
CA TYR B 183 -10.25 -8.28 17.14
C TYR B 183 -10.49 -9.18 18.34
N GLU B 184 -9.76 -10.31 18.39
CA GLU B 184 -9.81 -11.29 19.48
C GLU B 184 -9.50 -10.62 20.83
N VAL B 185 -8.35 -9.93 20.94
CA VAL B 185 -7.92 -9.30 22.20
C VAL B 185 -8.92 -8.22 22.67
N PHE B 186 -9.50 -7.38 21.78
CA PHE B 186 -10.47 -6.34 22.17
C PHE B 186 -11.83 -6.93 22.59
N GLU B 187 -12.20 -8.09 22.01
CA GLU B 187 -13.43 -8.81 22.35
C GLU B 187 -13.25 -9.50 23.70
N LYS B 188 -12.14 -10.25 23.87
CA LYS B 188 -11.79 -11.00 25.07
C LYS B 188 -11.43 -10.10 26.27
N HIS B 189 -10.69 -9.00 26.02
CA HIS B 189 -10.26 -8.05 27.07
C HIS B 189 -10.65 -6.61 26.70
N PRO B 190 -11.93 -6.23 26.82
CA PRO B 190 -12.35 -4.87 26.44
C PRO B 190 -11.62 -3.71 27.11
N HIS B 191 -10.98 -3.93 28.29
CA HIS B 191 -10.19 -2.91 28.98
C HIS B 191 -9.03 -2.43 28.12
N PHE B 192 -8.61 -3.25 27.12
CA PHE B 192 -7.53 -2.90 26.18
C PHE B 192 -7.95 -1.83 25.18
N ILE B 193 -9.27 -1.69 24.92
CA ILE B 193 -9.80 -0.65 24.03
C ILE B 193 -9.47 0.71 24.68
N ASP B 194 -9.79 0.87 25.98
CA ASP B 194 -9.52 2.09 26.76
C ASP B 194 -8.03 2.42 26.78
N VAL B 195 -7.19 1.39 27.01
CA VAL B 195 -5.73 1.54 27.03
C VAL B 195 -5.24 2.00 25.66
N PHE B 196 -5.70 1.34 24.58
CA PHE B 196 -5.29 1.70 23.23
C PHE B 196 -5.66 3.13 22.88
N VAL B 197 -6.90 3.55 23.21
CA VAL B 197 -7.40 4.89 22.88
C VAL B 197 -6.56 5.97 23.57
N HIS B 198 -6.26 5.78 24.85
CA HIS B 198 -5.40 6.71 25.61
C HIS B 198 -3.99 6.68 25.06
N PHE B 199 -3.48 5.50 24.69
CA PHE B 199 -2.16 5.42 24.07
C PHE B 199 -2.14 6.27 22.78
N GLY B 200 -3.16 6.09 21.94
CA GLY B 200 -3.31 6.78 20.67
C GLY B 200 -3.37 8.29 20.81
N ILE B 201 -4.15 8.80 21.75
CA ILE B 201 -4.26 10.23 22.01
C ILE B 201 -2.90 10.78 22.47
N ALA B 202 -2.22 10.11 23.43
CA ALA B 202 -0.91 10.51 23.91
C ALA B 202 0.15 10.48 22.85
N GLN B 203 0.11 9.43 22.02
CA GLN B 203 1.09 9.22 20.97
C GLN B 203 0.97 10.32 19.90
N SER B 204 -0.25 10.51 19.35
CA SER B 204 -0.56 11.42 18.24
C SER B 204 -0.24 12.88 18.59
N SER B 205 0.24 13.12 19.83
CA SER B 205 0.71 14.40 20.34
C SER B 205 2.20 14.56 20.01
N THR B 206 2.98 13.48 20.14
CA THR B 206 4.42 13.46 19.83
C THR B 206 4.67 13.77 18.32
N ARG B 207 5.84 14.36 18.01
CA ARG B 207 6.18 14.67 16.62
C ARG B 207 7.67 14.35 16.40
N GLY B 208 7.95 13.30 15.63
CA GLY B 208 9.32 12.88 15.40
C GLY B 208 9.62 12.48 13.97
N GLY B 209 10.84 12.05 13.75
CA GLY B 209 11.29 11.64 12.43
C GLY B 209 10.90 10.23 12.00
N SER B 210 10.23 9.45 12.89
CA SER B 210 9.84 8.07 12.54
C SER B 210 8.66 8.04 11.55
N ARG B 211 8.84 7.39 10.41
CA ARG B 211 7.80 7.23 9.39
C ARG B 211 6.56 6.50 9.96
N VAL B 212 6.80 5.40 10.68
CA VAL B 212 5.74 4.58 11.28
C VAL B 212 4.99 5.34 12.39
N GLU B 213 5.67 6.18 13.19
CA GLU B 213 4.96 6.97 14.21
C GLU B 213 3.99 7.91 13.51
N GLY B 214 4.41 8.42 12.36
CA GLY B 214 3.60 9.30 11.51
C GLY B 214 2.42 8.58 10.91
N ILE B 215 2.64 7.36 10.41
CA ILE B 215 1.58 6.52 9.83
C ILE B 215 0.57 6.19 10.93
N PHE B 216 1.03 5.77 12.10
CA PHE B 216 0.13 5.49 13.23
C PHE B 216 -0.76 6.69 13.56
N ALA B 217 -0.18 7.90 13.74
CA ALA B 217 -0.92 9.10 14.09
C ALA B 217 -2.04 9.39 13.10
N GLY B 218 -1.76 9.24 11.80
CA GLY B 218 -2.70 9.43 10.71
C GLY B 218 -3.80 8.42 10.77
N LEU B 219 -3.45 7.14 10.98
CA LEU B 219 -4.42 6.03 11.10
C LEU B 219 -5.33 6.19 12.28
N PHE B 220 -4.78 6.60 13.44
CA PHE B 220 -5.53 6.81 14.68
C PHE B 220 -6.52 7.96 14.52
N MET B 221 -6.05 9.09 13.96
CA MET B 221 -6.87 10.28 13.73
C MET B 221 -8.12 9.98 12.89
N ASN B 222 -7.95 9.14 11.84
CA ASN B 222 -8.90 8.71 10.82
C ASN B 222 -9.81 9.89 10.35
N ALA B 223 -9.18 11.04 9.96
CA ALA B 223 -9.93 12.21 9.45
C ALA B 223 -10.81 11.83 8.23
N TYR B 224 -10.26 11.00 7.31
CA TYR B 224 -10.94 10.50 6.10
C TYR B 224 -12.00 9.38 6.37
N GLY B 225 -11.97 8.76 7.57
CA GLY B 225 -12.89 7.70 8.00
C GLY B 225 -14.27 8.20 8.39
N LEU B 226 -14.29 9.36 9.05
CA LEU B 226 -15.55 10.01 9.43
C LEU B 226 -16.13 10.66 8.15
N GLU B 227 -15.24 11.24 7.31
CA GLU B 227 -15.53 11.87 6.02
C GLU B 227 -15.38 10.87 4.84
N PHE C 7 -6.40 -11.98 -18.04
CA PHE C 7 -6.11 -13.31 -17.46
C PHE C 7 -6.99 -13.60 -16.21
N PHE D 7 20.09 -9.73 17.92
CA PHE D 7 21.03 -10.84 17.74
C PHE D 7 21.76 -10.78 16.37
#